data_2HDD
#
_entry.id   2HDD
#
_cell.length_a   127.720
_cell.length_b   45.340
_cell.length_c   72.470
_cell.angle_alpha   90.00
_cell.angle_beta   119.53
_cell.angle_gamma   90.00
#
_symmetry.space_group_name_H-M   'C 1 2 1'
#
loop_
_entity.id
_entity.type
_entity.pdbx_description
1 polymer "DNA (5'-D(*TP*TP*TP*TP*GP*CP*CP*AP*TP*GP*TP*AP*AP*TP*CP*CP*C P*CP*GP*GP*A)-3')"
2 polymer "DNA (5'-D(*AP*TP*CP*CP*GP*GP*GP*GP*AP*TP*TP*AP*CP*AP*TP*GP*G P*CP*AP*AP*A)-3')"
3 polymer 'PROTEIN (ENGRAILED HOMEODOMAIN Q50K)'
4 water water
#
loop_
_entity_poly.entity_id
_entity_poly.type
_entity_poly.pdbx_seq_one_letter_code
_entity_poly.pdbx_strand_id
1 'polydeoxyribonucleotide'
;(DT)(DT)(DT)(DT)(DG)(DC)(DC)(DA)(DT)(DG)(DT)(DA)(DA)(DT)(DC)(DC)(DC)(DC)(DG)(DG)
(DA)
;
C
2 'polydeoxyribonucleotide'
;(DA)(DT)(DC)(DC)(DG)(DG)(DG)(DG)(DA)(DT)(DT)(DA)(DC)(DA)(DT)(DG)(DG)(DC)(DA)(DA)
(DA)
;
D
3 'polypeptide(L)' MAEKRPRTAFSSEQLARLKREFNENRYLTERRRQQLSSELGLNEAQIKIWFKNKRAKIKKS A,B
#
loop_
_chem_comp.id
_chem_comp.type
_chem_comp.name
_chem_comp.formula
DA DNA linking 2'-DEOXYADENOSINE-5'-MONOPHOSPHATE 'C10 H14 N5 O6 P'
DC DNA linking 2'-DEOXYCYTIDINE-5'-MONOPHOSPHATE 'C9 H14 N3 O7 P'
DG DNA linking 2'-DEOXYGUANOSINE-5'-MONOPHOSPHATE 'C10 H14 N5 O7 P'
DT DNA linking THYMIDINE-5'-MONOPHOSPHATE 'C10 H15 N2 O8 P'
#
# COMPACT_ATOMS: atom_id res chain seq x y z
N ARG C 7 -13.22 15.82 8.24
CA ARG C 7 -11.82 15.87 8.68
C ARG C 7 -11.72 16.34 10.13
N THR C 8 -11.60 15.39 11.04
CA THR C 8 -11.50 15.71 12.46
C THR C 8 -10.36 16.63 12.81
N ALA C 9 -10.52 17.31 13.93
CA ALA C 9 -9.50 18.20 14.44
C ALA C 9 -9.21 17.63 15.80
N PHE C 10 -8.04 17.04 15.97
CA PHE C 10 -7.68 16.42 17.24
C PHE C 10 -7.60 17.46 18.37
N SER C 11 -8.05 17.09 19.56
CA SER C 11 -7.98 18.00 20.70
C SER C 11 -6.55 17.97 21.20
N SER C 12 -6.09 19.07 21.79
CA SER C 12 -4.72 19.11 22.29
C SER C 12 -4.48 18.06 23.37
N GLU C 13 -5.54 17.53 23.97
CA GLU C 13 -5.41 16.46 24.98
C GLU C 13 -5.06 15.19 24.18
N GLN C 14 -5.70 15.04 23.03
CA GLN C 14 -5.43 13.90 22.18
C GLN C 14 -4.05 14.08 21.54
N LEU C 15 -3.79 15.28 21.00
CA LEU C 15 -2.50 15.55 20.36
C LEU C 15 -1.30 15.34 21.26
N ALA C 16 -1.44 15.67 22.54
CA ALA C 16 -0.35 15.48 23.49
C ALA C 16 -0.10 14.00 23.77
N ARG C 17 -1.17 13.21 23.78
CA ARG C 17 -1.02 11.79 24.05
C ARG C 17 -0.44 11.06 22.81
N LEU C 18 -0.88 11.46 21.63
CA LEU C 18 -0.40 10.87 20.39
C LEU C 18 1.09 11.16 20.24
N LYS C 19 1.49 12.42 20.53
CA LYS C 19 2.92 12.82 20.44
C LYS C 19 3.79 12.07 21.46
N ARG C 20 3.24 11.92 22.65
CA ARG C 20 3.92 11.24 23.72
C ARG C 20 4.07 9.77 23.31
N GLU C 21 3.06 9.22 22.65
CA GLU C 21 3.13 7.83 22.22
C GLU C 21 4.11 7.69 21.08
N PHE C 22 4.06 8.65 20.16
CA PHE C 22 4.93 8.66 19.01
C PHE C 22 6.42 8.69 19.42
N ASN C 23 6.74 9.48 20.47
CA ASN C 23 8.11 9.60 20.97
C ASN C 23 8.59 8.29 21.54
N GLU C 24 7.69 7.57 22.19
CA GLU C 24 7.99 6.25 22.75
C GLU C 24 8.12 5.16 21.69
N ASN C 25 7.22 5.14 20.71
CA ASN C 25 7.27 4.16 19.60
C ASN C 25 6.65 4.79 18.35
N ARG C 26 7.46 5.08 17.33
CA ARG C 26 6.92 5.71 16.15
C ARG C 26 6.10 4.80 15.22
N TYR C 27 6.10 3.50 15.50
CA TYR C 27 5.30 2.53 14.74
C TYR C 27 4.38 1.82 15.73
N LEU C 28 3.11 1.77 15.38
CA LEU C 28 2.09 1.16 16.23
C LEU C 28 1.97 -0.32 16.10
N THR C 29 1.64 -0.97 17.21
CA THR C 29 1.36 -2.39 17.20
C THR C 29 -0.16 -2.35 17.21
N GLU C 30 -0.80 -3.47 16.88
CA GLU C 30 -2.25 -3.52 16.85
C GLU C 30 -2.84 -3.22 18.23
N ARG C 31 -2.20 -3.77 19.25
CA ARG C 31 -2.63 -3.59 20.62
C ARG C 31 -2.52 -2.12 21.04
N ARG C 32 -1.38 -1.48 20.72
CA ARG C 32 -1.24 -0.10 21.09
C ARG C 32 -2.24 0.74 20.31
N ARG C 33 -2.43 0.43 19.02
CA ARG C 33 -3.39 1.20 18.22
C ARG C 33 -4.79 1.12 18.83
N GLN C 34 -5.14 -0.07 19.32
CA GLN C 34 -6.44 -0.33 19.95
C GLN C 34 -6.66 0.41 21.24
N GLN C 35 -5.64 0.40 22.08
CA GLN C 35 -5.73 1.05 23.38
C GLN C 35 -5.84 2.58 23.26
N LEU C 36 -5.11 3.13 22.30
CA LEU C 36 -5.14 4.55 22.05
C LEU C 36 -6.50 4.98 21.51
N SER C 37 -7.08 4.16 20.63
CA SER C 37 -8.39 4.45 20.05
C SER C 37 -9.43 4.58 21.19
N SER C 38 -9.40 3.58 22.06
CA SER C 38 -10.28 3.46 23.20
C SER C 38 -10.12 4.66 24.13
N GLU C 39 -8.92 4.83 24.70
CA GLU C 39 -8.63 5.93 25.62
C GLU C 39 -8.85 7.30 25.05
N LEU C 40 -8.58 7.51 23.77
CA LEU C 40 -8.75 8.84 23.20
C LEU C 40 -10.12 9.08 22.58
N GLY C 41 -10.89 8.01 22.42
CA GLY C 41 -12.18 8.16 21.80
C GLY C 41 -12.02 8.50 20.32
N LEU C 42 -11.20 7.73 19.62
CA LEU C 42 -11.02 7.98 18.19
C LEU C 42 -11.07 6.66 17.45
N ASN C 43 -11.25 6.71 16.13
CA ASN C 43 -11.26 5.48 15.36
C ASN C 43 -9.81 5.03 15.16
N GLU C 44 -9.60 3.73 15.09
CA GLU C 44 -8.28 3.19 14.91
C GLU C 44 -7.62 3.69 13.63
N ALA C 45 -8.44 3.99 12.62
CA ALA C 45 -7.94 4.48 11.32
C ALA C 45 -7.32 5.89 11.45
N GLN C 46 -7.86 6.69 12.35
CA GLN C 46 -7.35 8.03 12.58
C GLN C 46 -6.01 7.95 13.27
N ILE C 47 -5.85 7.00 14.20
CA ILE C 47 -4.58 6.84 14.90
C ILE C 47 -3.51 6.44 13.89
N LYS C 48 -3.86 5.45 13.08
CA LYS C 48 -3.00 4.87 12.03
C LYS C 48 -2.54 5.96 11.10
N ILE C 49 -3.49 6.79 10.66
CA ILE C 49 -3.22 7.89 9.76
C ILE C 49 -2.44 9.02 10.42
N TRP C 50 -2.60 9.22 11.72
CA TRP C 50 -1.85 10.27 12.38
C TRP C 50 -0.39 9.84 12.47
N PHE C 51 -0.14 8.58 12.83
CA PHE C 51 1.23 8.07 12.92
C PHE C 51 1.93 8.07 11.56
N LYS C 52 1.18 7.70 10.53
CA LYS C 52 1.69 7.65 9.16
C LYS C 52 2.13 9.07 8.73
N ASN C 53 1.28 10.07 8.98
CA ASN C 53 1.59 11.46 8.62
C ASN C 53 2.70 12.05 9.47
N LYS C 54 2.78 11.67 10.73
CA LYS C 54 3.82 12.18 11.60
C LYS C 54 5.19 11.71 11.10
N ARG C 55 5.33 10.41 10.83
CA ARG C 55 6.60 9.91 10.31
C ARG C 55 7.04 10.68 9.05
N ALA C 56 6.08 10.95 8.16
CA ALA C 56 6.34 11.67 6.91
C ALA C 56 6.72 13.14 7.17
N LYS C 57 6.11 13.76 8.17
CA LYS C 57 6.42 15.14 8.50
C LYS C 57 7.87 15.24 9.00
N ILE C 58 8.22 14.36 9.96
CA ILE C 58 9.54 14.28 10.57
C ILE C 58 10.59 14.03 9.51
N LYS C 59 10.24 13.25 8.49
CA LYS C 59 11.16 12.97 7.40
C LYS C 59 11.58 14.26 6.72
N LYS C 60 10.69 15.22 6.63
CA LYS C 60 11.05 16.49 6.02
C LYS C 60 11.34 17.59 7.07
N SER C 61 12.19 17.26 8.03
CA SER C 61 12.60 18.18 9.08
C SER C 61 13.90 18.84 8.68
N LYS D 4 -13.26 -9.75 -4.54
CA LYS D 4 -13.54 -9.02 -5.78
C LYS D 4 -12.59 -9.44 -6.88
N ARG D 5 -12.80 -8.92 -8.08
CA ARG D 5 -11.99 -9.28 -9.22
C ARG D 5 -11.76 -10.78 -9.39
N PRO D 6 -12.46 -11.37 -10.37
CA PRO D 6 -12.39 -12.79 -10.71
C PRO D 6 -11.00 -13.18 -11.22
N ARG D 7 -10.58 -14.41 -10.92
CA ARG D 7 -9.29 -14.86 -11.40
C ARG D 7 -9.47 -15.02 -12.93
N THR D 8 -8.36 -15.04 -13.66
CA THR D 8 -8.40 -15.18 -15.11
C THR D 8 -7.22 -15.98 -15.62
N ALA D 9 -7.45 -16.79 -16.62
CA ALA D 9 -6.38 -17.61 -17.17
C ALA D 9 -5.77 -16.81 -18.30
N PHE D 10 -4.47 -16.60 -18.23
CA PHE D 10 -3.79 -15.86 -19.29
C PHE D 10 -3.53 -16.77 -20.47
N SER D 11 -3.73 -16.25 -21.66
CA SER D 11 -3.50 -17.05 -22.82
C SER D 11 -1.99 -17.19 -22.95
N SER D 12 -1.57 -18.07 -23.85
CA SER D 12 -0.17 -18.33 -24.13
C SER D 12 0.57 -17.15 -24.74
N GLU D 13 -0.09 -16.36 -25.59
CA GLU D 13 0.60 -15.21 -26.13
C GLU D 13 0.66 -14.18 -24.99
N GLN D 14 -0.35 -14.18 -24.13
CA GLN D 14 -0.38 -13.24 -23.00
C GLN D 14 0.83 -13.48 -22.12
N LEU D 15 0.95 -14.68 -21.58
CA LEU D 15 2.07 -15.06 -20.73
C LEU D 15 3.40 -14.88 -21.43
N ALA D 16 3.46 -15.23 -22.71
CA ALA D 16 4.71 -15.10 -23.47
C ALA D 16 5.08 -13.62 -23.44
N ARG D 17 4.08 -12.80 -23.69
CA ARG D 17 4.29 -11.38 -23.73
C ARG D 17 4.65 -10.79 -22.36
N LEU D 18 4.03 -11.28 -21.29
CA LEU D 18 4.31 -10.79 -19.95
C LEU D 18 5.71 -11.20 -19.46
N LYS D 19 6.15 -12.39 -19.86
CA LYS D 19 7.44 -12.89 -19.47
C LYS D 19 8.54 -12.17 -20.21
N ARG D 20 8.28 -11.84 -21.48
CA ARG D 20 9.29 -11.12 -22.27
C ARG D 20 9.55 -9.75 -21.66
N GLU D 21 8.50 -9.10 -21.22
CA GLU D 21 8.57 -7.80 -20.60
C GLU D 21 9.26 -7.95 -19.23
N PHE D 22 8.80 -8.92 -18.44
CA PHE D 22 9.34 -9.18 -17.11
C PHE D 22 10.82 -9.50 -17.21
N ASN D 23 11.23 -10.00 -18.37
CA ASN D 23 12.63 -10.34 -18.58
C ASN D 23 13.55 -9.13 -18.66
N GLU D 24 13.01 -8.01 -19.10
CA GLU D 24 13.78 -6.78 -19.19
C GLU D 24 13.75 -5.97 -17.88
N ASN D 25 12.56 -5.90 -17.27
CA ASN D 25 12.35 -5.12 -16.08
C ASN D 25 11.21 -5.74 -15.28
N ARG D 26 11.50 -6.07 -14.02
CA ARG D 26 10.54 -6.66 -13.11
C ARG D 26 9.47 -5.72 -12.56
N TYR D 27 9.57 -4.44 -12.89
CA TYR D 27 8.60 -3.44 -12.47
C TYR D 27 8.04 -2.79 -13.70
N LEU D 28 6.75 -2.46 -13.65
CA LEU D 28 6.03 -1.83 -14.73
C LEU D 28 5.63 -0.44 -14.32
N THR D 29 5.81 0.52 -15.24
CA THR D 29 5.39 1.87 -14.97
C THR D 29 3.93 1.85 -15.44
N GLU D 30 3.11 2.81 -15.00
CA GLU D 30 1.69 2.85 -15.36
C GLU D 30 1.46 3.05 -16.85
N ARG D 31 2.41 3.72 -17.50
CA ARG D 31 2.38 4.00 -18.93
C ARG D 31 2.47 2.68 -19.74
N ARG D 32 3.52 1.90 -19.49
CA ARG D 32 3.71 0.62 -20.16
C ARG D 32 2.62 -0.37 -19.76
N ARG D 33 2.17 -0.32 -18.50
CA ARG D 33 1.10 -1.20 -18.05
C ARG D 33 -0.16 -0.91 -18.86
N GLN D 34 -0.42 0.37 -19.14
CA GLN D 34 -1.58 0.76 -19.96
C GLN D 34 -1.32 0.21 -21.34
N GLN D 35 -0.10 0.38 -21.83
CA GLN D 35 0.30 -0.09 -23.15
C GLN D 35 -0.01 -1.58 -23.28
N LEU D 36 0.70 -2.37 -22.48
CA LEU D 36 0.50 -3.81 -22.46
C LEU D 36 -0.96 -4.23 -22.29
N SER D 37 -1.70 -3.45 -21.52
CA SER D 37 -3.10 -3.76 -21.27
C SER D 37 -3.87 -3.67 -22.57
N SER D 38 -3.54 -2.66 -23.35
CA SER D 38 -4.20 -2.44 -24.61
C SER D 38 -3.75 -3.48 -25.66
N GLU D 39 -2.46 -3.78 -25.69
CA GLU D 39 -1.95 -4.75 -26.65
C GLU D 39 -2.42 -6.20 -26.36
N LEU D 40 -2.52 -6.56 -25.09
CA LEU D 40 -2.89 -7.91 -24.72
C LEU D 40 -4.37 -8.20 -24.45
N GLY D 41 -5.17 -7.16 -24.28
CA GLY D 41 -6.57 -7.38 -23.96
C GLY D 41 -6.68 -7.89 -22.54
N LEU D 42 -5.79 -7.40 -21.68
CA LEU D 42 -5.73 -7.76 -20.24
C LEU D 42 -6.01 -6.52 -19.41
N ASN D 43 -6.84 -6.66 -18.38
CA ASN D 43 -7.16 -5.55 -17.52
C ASN D 43 -5.85 -5.13 -16.87
N GLU D 44 -5.61 -3.82 -16.71
CA GLU D 44 -4.38 -3.33 -16.07
C GLU D 44 -4.14 -3.92 -14.67
N ALA D 45 -5.20 -4.14 -13.91
CA ALA D 45 -5.07 -4.74 -12.57
C ALA D 45 -4.51 -6.15 -12.63
N GLN D 46 -4.92 -6.94 -13.63
CA GLN D 46 -4.44 -8.32 -13.78
C GLN D 46 -2.96 -8.35 -14.06
N ILE D 47 -2.51 -7.39 -14.87
CA ILE D 47 -1.10 -7.27 -15.25
C ILE D 47 -0.24 -6.86 -14.03
N LYS D 48 -0.76 -5.92 -13.24
CA LYS D 48 -0.10 -5.45 -12.04
C LYS D 48 0.07 -6.60 -11.07
N ILE D 49 -0.99 -7.39 -10.87
CA ILE D 49 -0.93 -8.53 -9.97
C ILE D 49 -0.04 -9.64 -10.50
N TRP D 50 0.00 -9.82 -11.83
CA TRP D 50 0.90 -10.84 -12.40
C TRP D 50 2.35 -10.47 -12.10
N PHE D 51 2.71 -9.20 -12.26
CA PHE D 51 4.09 -8.75 -11.96
C PHE D 51 4.43 -8.89 -10.48
N LYS D 52 3.46 -8.54 -9.64
CA LYS D 52 3.62 -8.66 -8.20
C LYS D 52 3.88 -10.12 -7.77
N ASN D 53 3.00 -11.05 -8.17
CA ASN D 53 3.17 -12.47 -7.80
C ASN D 53 4.46 -13.05 -8.35
N LYS D 54 4.73 -12.74 -9.62
CA LYS D 54 5.92 -13.24 -10.29
C LYS D 54 7.18 -12.72 -9.57
N ARG D 55 7.15 -11.49 -9.08
CA ARG D 55 8.32 -10.94 -8.34
C ARG D 55 8.54 -11.75 -7.06
N ALA D 56 7.45 -12.21 -6.47
CA ALA D 56 7.53 -13.01 -5.26
C ALA D 56 8.02 -14.45 -5.54
N LYS D 57 7.54 -15.06 -6.62
CA LYS D 57 7.94 -16.41 -6.97
C LYS D 57 9.42 -16.44 -7.30
N ILE D 58 9.89 -15.50 -8.13
CA ILE D 58 11.30 -15.43 -8.53
C ILE D 58 12.22 -15.19 -7.36
N LYS D 59 11.72 -14.49 -6.35
CA LYS D 59 12.49 -14.21 -5.13
C LYS D 59 12.38 -15.39 -4.15
#